data_6H1F
#
_entry.id   6H1F
#
_cell.length_a   33.859
_cell.length_b   46.835
_cell.length_c   132.111
_cell.angle_alpha   90.00
_cell.angle_beta   90.00
_cell.angle_gamma   90.00
#
_symmetry.space_group_name_H-M   'P 21 21 21'
#
loop_
_entity.id
_entity.type
_entity.pdbx_description
1 polymer 'gelsolin nanobody, Nb11'
2 polymer Gelsolin
3 non-polymer 'THIOCYANATE ION'
4 water water
#
loop_
_entity_poly.entity_id
_entity_poly.type
_entity_poly.pdbx_seq_one_letter_code
_entity_poly.pdbx_strand_id
1 'polypeptide(L)'
;MQVQLQESGGGLVQAGGSLRLSCAASGRTFSSFVMGWFRQAPGKEREFVASISRSGSVTRYADSAKGRFTISKDNAKNTV
SLQMDNLNPDDTAVYYCAADLHRPYGPGSQRTDDYDTWGQGTQVTVSSLVPRGSHHHHHH
;
A
2 'polypeptide(L)'
;GSHHVVPNEVVVQRLFQVKGRRVVRATEVPVSWESFNNGNCFILDLGNNIHQWCGSNSNRYERLKATQVSKGIRDNERSG
RARVHVSEEGTEPEAMLQVLGPKPALPAGTEDTAKEDAA
;
B
#
loop_
_chem_comp.id
_chem_comp.type
_chem_comp.name
_chem_comp.formula
SCN non-polymer 'THIOCYANATE ION' 'C N S -1'
#
# COMPACT_ATOMS: atom_id res chain seq x y z
N VAL A 3 1.47 6.59 8.23
CA VAL A 3 1.78 6.12 9.61
C VAL A 3 0.57 6.40 10.52
N GLN A 4 0.08 7.63 10.49
CA GLN A 4 -1.09 8.08 11.27
C GLN A 4 -2.20 8.62 10.36
N LEU A 5 -3.40 8.05 10.47
CA LEU A 5 -4.56 8.47 9.65
C LEU A 5 -5.67 9.03 10.55
N GLN A 6 -6.25 10.17 10.17
CA GLN A 6 -7.42 10.72 10.90
C GLN A 6 -8.43 11.26 9.88
N GLU A 7 -9.65 10.75 9.88
CA GLU A 7 -10.69 11.18 8.96
C GLU A 7 -11.56 12.28 9.58
N SER A 8 -12.37 12.90 8.73
CA SER A 8 -13.32 13.93 9.14
C SER A 8 -14.31 14.14 8.02
N GLY A 9 -15.42 14.81 8.35
CA GLY A 9 -16.38 15.23 7.36
C GLY A 9 -17.66 14.41 7.27
N GLY A 10 -17.79 13.35 8.05
CA GLY A 10 -19.02 12.59 8.07
C GLY A 10 -20.15 13.32 8.79
N GLY A 11 -21.29 12.68 8.84
CA GLY A 11 -22.43 13.21 9.55
C GLY A 11 -23.72 12.69 8.94
N LEU A 12 -24.81 13.36 9.30
CA LEU A 12 -26.16 13.00 8.86
C LEU A 12 -26.52 13.84 7.64
N VAL A 13 -27.02 13.17 6.60
CA VAL A 13 -27.34 13.84 5.34
C VAL A 13 -28.64 13.28 4.78
N GLN A 14 -29.38 14.14 4.09
CA GLN A 14 -30.62 13.78 3.43
CA GLN A 14 -30.62 13.71 3.48
C GLN A 14 -30.34 12.91 2.21
N ALA A 15 -31.28 12.02 1.88
CA ALA A 15 -31.13 11.19 0.70
C ALA A 15 -30.97 12.07 -0.54
N GLY A 16 -30.02 11.71 -1.40
CA GLY A 16 -29.67 12.54 -2.53
C GLY A 16 -28.64 13.61 -2.22
N GLY A 17 -28.32 13.82 -0.95
CA GLY A 17 -27.38 14.85 -0.56
C GLY A 17 -25.95 14.43 -0.86
N SER A 18 -25.03 15.32 -0.48
CA SER A 18 -23.61 15.11 -0.69
C SER A 18 -22.86 15.24 0.62
N LEU A 19 -21.70 14.60 0.67
CA LEU A 19 -20.77 14.74 1.78
C LEU A 19 -19.36 14.67 1.23
N ARG A 20 -18.43 15.33 1.90
CA ARG A 20 -17.02 15.28 1.50
C ARG A 20 -16.22 14.80 2.70
N LEU A 21 -15.70 13.58 2.61
CA LEU A 21 -14.84 13.06 3.66
C LEU A 21 -13.39 13.40 3.33
N SER A 22 -12.60 13.57 4.38
CA SER A 22 -11.20 13.86 4.21
C SER A 22 -10.42 13.04 5.22
N CYS A 23 -9.20 12.66 4.85
CA CYS A 23 -8.32 11.92 5.75
C CYS A 23 -6.95 12.57 5.77
N ALA A 24 -6.41 12.75 6.97
CA ALA A 24 -5.11 13.38 7.16
C ALA A 24 -4.06 12.31 7.44
N ALA A 25 -2.97 12.35 6.70
CA ALA A 25 -1.82 11.49 6.94
C ALA A 25 -0.78 12.32 7.68
N SER A 26 -0.48 11.93 8.90
CA SER A 26 0.52 12.61 9.72
C SER A 26 1.59 11.62 10.15
N GLY A 27 2.48 12.06 11.02
CA GLY A 27 3.44 11.17 11.61
C GLY A 27 4.66 10.93 10.74
N ARG A 28 5.38 9.87 11.09
CA ARG A 28 6.56 9.50 10.33
C ARG A 28 6.09 8.91 9.02
N THR A 29 6.21 9.68 7.94
CA THR A 29 6.04 9.16 6.59
C THR A 29 7.36 9.38 5.87
N PHE A 30 7.81 8.37 5.15
CA PHE A 30 9.07 8.46 4.42
C PHE A 30 8.87 8.70 2.93
N SER A 31 7.67 8.46 2.41
CA SER A 31 7.41 8.62 0.99
CA SER A 31 7.41 8.54 0.99
C SER A 31 5.89 8.64 0.79
N SER A 32 5.46 8.54 -0.46
CA SER A 32 4.05 8.50 -0.79
C SER A 32 3.56 7.06 -0.71
N PHE A 33 2.27 6.88 -0.45
CA PHE A 33 1.75 5.51 -0.39
C PHE A 33 0.30 5.46 -0.87
N VAL A 34 -0.12 4.23 -1.20
CA VAL A 34 -1.49 3.98 -1.65
C VAL A 34 -2.48 4.20 -0.51
N MET A 35 -3.61 4.81 -0.84
CA MET A 35 -4.68 5.03 0.12
C MET A 35 -6.01 4.66 -0.52
N GLY A 36 -6.96 4.26 0.32
CA GLY A 36 -8.28 3.89 -0.17
C GLY A 36 -9.32 4.13 0.90
N TRP A 37 -10.58 4.07 0.48
CA TRP A 37 -11.73 4.24 1.35
C TRP A 37 -12.56 2.98 1.35
N PHE A 38 -12.95 2.54 2.54
CA PHE A 38 -13.85 1.43 2.77
C PHE A 38 -15.04 1.91 3.58
N ARG A 39 -16.09 1.11 3.61
CA ARG A 39 -17.25 1.47 4.41
C ARG A 39 -17.83 0.24 5.09
N GLN A 40 -18.26 0.43 6.34
CA GLN A 40 -18.85 -0.63 7.15
C GLN A 40 -20.28 -0.24 7.45
N ALA A 41 -21.23 -0.86 6.74
CA ALA A 41 -22.63 -0.62 7.01
C ALA A 41 -23.00 -1.11 8.40
N PRO A 42 -24.03 -0.51 9.03
CA PRO A 42 -24.46 -0.97 10.37
C PRO A 42 -24.64 -2.48 10.46
N GLY A 43 -23.79 -3.13 11.26
CA GLY A 43 -23.88 -4.56 11.49
C GLY A 43 -23.17 -5.46 10.50
N LYS A 44 -22.55 -4.89 9.46
CA LYS A 44 -21.93 -5.68 8.40
C LYS A 44 -20.40 -5.59 8.49
N GLU A 45 -19.74 -5.91 7.38
CA GLU A 45 -18.28 -5.91 7.28
C GLU A 45 -17.82 -4.70 6.47
N ARG A 46 -16.49 -4.53 6.42
CA ARG A 46 -15.88 -3.48 5.63
C ARG A 46 -15.82 -3.88 4.16
N GLU A 47 -16.15 -2.92 3.29
CA GLU A 47 -16.28 -3.14 1.85
C GLU A 47 -15.64 -1.99 1.08
N PHE A 48 -14.94 -2.33 -0.01
CA PHE A 48 -14.19 -1.35 -0.80
C PHE A 48 -15.10 -0.31 -1.45
N VAL A 49 -14.65 0.95 -1.42
CA VAL A 49 -15.34 2.05 -2.09
C VAL A 49 -14.49 2.66 -3.18
N ALA A 50 -13.25 3.01 -2.87
CA ALA A 50 -12.39 3.68 -3.83
C ALA A 50 -10.95 3.68 -3.31
N SER A 51 -10.01 3.77 -4.24
CA SER A 51 -8.60 3.83 -3.89
C SER A 51 -7.88 4.76 -4.86
N ILE A 52 -6.66 5.14 -4.51
CA ILE A 52 -5.90 6.06 -5.32
C ILE A 52 -4.41 5.74 -5.15
N SER A 53 -3.64 5.90 -6.22
CA SER A 53 -2.24 5.50 -6.22
C SER A 53 -1.38 6.49 -5.42
N ARG A 54 -0.09 6.16 -5.28
CA ARG A 54 0.82 6.99 -4.49
C ARG A 54 0.86 8.43 -4.98
N SER A 55 0.97 8.62 -6.30
CA SER A 55 1.09 9.95 -6.87
C SER A 55 -0.26 10.64 -7.05
N GLY A 56 -1.37 9.92 -6.87
CA GLY A 56 -2.67 10.46 -7.18
C GLY A 56 -3.05 10.42 -8.63
N SER A 57 -2.22 9.80 -9.48
CA SER A 57 -2.45 9.81 -10.92
C SER A 57 -3.51 8.81 -11.36
N VAL A 58 -3.70 7.73 -10.60
CA VAL A 58 -4.61 6.66 -10.98
C VAL A 58 -5.58 6.39 -9.85
N THR A 59 -6.85 6.19 -10.19
CA THR A 59 -7.88 5.92 -9.22
C THR A 59 -8.62 4.65 -9.59
N ARG A 60 -9.28 4.05 -8.61
CA ARG A 60 -10.11 2.88 -8.82
C ARG A 60 -11.35 2.99 -7.94
N TYR A 61 -12.49 2.52 -8.45
CA TYR A 61 -13.79 2.69 -7.81
C TYR A 61 -14.57 1.40 -7.78
N ALA A 62 -15.24 1.14 -6.66
CA ALA A 62 -16.20 0.05 -6.59
C ALA A 62 -17.39 0.33 -7.51
N ASP A 63 -18.20 -0.71 -7.72
CA ASP A 63 -19.36 -0.60 -8.60
C ASP A 63 -20.34 0.45 -8.08
N SER A 64 -20.70 0.36 -6.80
CA SER A 64 -21.65 1.30 -6.23
C SER A 64 -21.17 2.75 -6.28
N ALA A 65 -19.85 2.97 -6.40
CA ALA A 65 -19.31 4.32 -6.37
C ALA A 65 -19.18 4.95 -7.75
N LYS A 66 -19.20 4.14 -8.80
CA LYS A 66 -19.06 4.66 -10.15
C LYS A 66 -20.12 5.71 -10.43
N GLY A 67 -19.69 6.84 -10.98
CA GLY A 67 -20.57 7.91 -11.39
C GLY A 67 -21.08 8.79 -10.28
N ARG A 68 -20.72 8.52 -9.04
CA ARG A 68 -21.24 9.26 -7.89
C ARG A 68 -20.14 9.80 -6.99
N PHE A 69 -19.09 9.03 -6.76
CA PHE A 69 -18.04 9.40 -5.83
C PHE A 69 -16.77 9.72 -6.59
N THR A 70 -15.95 10.59 -6.01
CA THR A 70 -14.66 10.95 -6.58
C THR A 70 -13.61 10.94 -5.47
N ILE A 71 -12.55 10.16 -5.67
CA ILE A 71 -11.41 10.15 -4.76
C ILE A 71 -10.31 11.01 -5.37
N SER A 72 -9.65 11.77 -4.51
CA SER A 72 -8.58 12.68 -4.92
C SER A 72 -7.60 12.76 -3.77
N LYS A 73 -6.44 13.34 -4.04
CA LYS A 73 -5.47 13.55 -2.97
CA LYS A 73 -5.47 13.55 -2.97
C LYS A 73 -4.68 14.82 -3.24
N ASP A 74 -4.28 15.49 -2.16
CA ASP A 74 -3.45 16.69 -2.22
C ASP A 74 -2.09 16.28 -1.65
N ASN A 75 -1.13 16.05 -2.54
CA ASN A 75 0.14 15.47 -2.14
C ASN A 75 0.95 16.41 -1.26
N ALA A 76 0.70 17.72 -1.34
CA ALA A 76 1.41 18.67 -0.47
C ALA A 76 0.94 18.54 0.98
N LYS A 77 -0.38 18.51 1.19
CA LYS A 77 -0.92 18.39 2.53
C LYS A 77 -0.88 16.97 3.07
N ASN A 78 -0.60 15.98 2.21
CA ASN A 78 -0.67 14.56 2.55
C ASN A 78 -2.08 14.19 3.00
N THR A 79 -3.07 14.56 2.19
CA THR A 79 -4.46 14.31 2.48
C THR A 79 -5.13 13.65 1.28
N VAL A 80 -6.13 12.81 1.57
CA VAL A 80 -6.99 12.22 0.55
C VAL A 80 -8.44 12.54 0.91
N SER A 81 -9.26 12.71 -0.12
CA SER A 81 -10.66 13.10 0.06
C SER A 81 -11.55 12.15 -0.73
N LEU A 82 -12.78 11.98 -0.24
CA LEU A 82 -13.80 11.21 -0.93
C LEU A 82 -15.05 12.09 -1.03
N GLN A 83 -15.28 12.64 -2.21
CA GLN A 83 -16.48 13.43 -2.48
C GLN A 83 -17.61 12.48 -2.82
N MET A 84 -18.69 12.50 -2.02
CA MET A 84 -19.80 11.58 -2.18
C MET A 84 -21.03 12.37 -2.57
N ASP A 85 -21.50 12.16 -3.80
CA ASP A 85 -22.63 12.89 -4.37
C ASP A 85 -23.78 11.93 -4.65
N ASN A 86 -25.00 12.44 -4.48
CA ASN A 86 -26.22 11.66 -4.73
C ASN A 86 -26.25 10.40 -3.87
N LEU A 87 -26.09 10.59 -2.56
CA LEU A 87 -26.17 9.48 -1.62
C LEU A 87 -27.60 8.94 -1.51
N ASN A 88 -27.70 7.67 -1.17
CA ASN A 88 -28.96 7.00 -0.86
C ASN A 88 -28.83 6.25 0.45
N PRO A 89 -29.96 5.86 1.08
CA PRO A 89 -29.88 5.41 2.48
C PRO A 89 -28.96 4.21 2.71
N ASP A 90 -28.86 3.30 1.76
CA ASP A 90 -27.96 2.18 2.00
C ASP A 90 -26.49 2.56 1.90
N ASP A 91 -26.17 3.83 1.66
CA ASP A 91 -24.80 4.33 1.81
C ASP A 91 -24.46 4.61 3.26
N THR A 92 -25.40 4.40 4.19
CA THR A 92 -25.13 4.64 5.60
C THR A 92 -24.08 3.65 6.09
N ALA A 93 -22.99 4.18 6.67
CA ALA A 93 -21.90 3.34 7.14
C ALA A 93 -20.92 4.20 7.92
N VAL A 94 -20.04 3.52 8.65
CA VAL A 94 -18.78 4.14 9.06
C VAL A 94 -17.81 4.04 7.90
N TYR A 95 -17.22 5.17 7.53
CA TYR A 95 -16.30 5.20 6.40
C TYR A 95 -14.88 5.30 6.93
N TYR A 96 -14.03 4.38 6.47
CA TYR A 96 -12.65 4.26 6.94
C TYR A 96 -11.70 4.58 5.80
N CYS A 97 -10.74 5.44 6.05
CA CYS A 97 -9.61 5.61 5.15
C CYS A 97 -8.51 4.66 5.60
N ALA A 98 -7.96 3.92 4.64
CA ALA A 98 -6.92 2.94 4.91
C ALA A 98 -5.75 3.19 3.97
N ALA A 99 -4.59 2.69 4.36
CA ALA A 99 -3.37 2.85 3.61
C ALA A 99 -2.76 1.47 3.32
N ASP A 100 -2.25 1.29 2.11
CA ASP A 100 -1.53 0.08 1.69
C ASP A 100 -0.07 0.50 1.55
N LEU A 101 0.68 0.33 2.62
CA LEU A 101 2.05 0.83 2.64
C LEU A 101 3.01 -0.03 1.83
N HIS A 102 2.62 -1.24 1.44
CA HIS A 102 3.57 -2.12 0.78
C HIS A 102 3.56 -1.99 -0.73
N ARG A 103 2.44 -1.54 -1.32
CA ARG A 103 2.27 -1.53 -2.76
C ARG A 103 3.10 -0.44 -3.42
N PRO A 104 4.08 -0.78 -4.26
CA PRO A 104 4.96 0.25 -4.83
C PRO A 104 4.34 1.08 -5.94
N TYR A 105 3.38 0.53 -6.69
CA TYR A 105 2.79 1.28 -7.79
CA TYR A 105 2.81 1.21 -7.86
C TYR A 105 1.34 0.85 -7.98
N GLY A 106 0.61 1.69 -8.70
CA GLY A 106 -0.78 1.43 -8.99
C GLY A 106 -1.73 1.90 -7.91
N PRO A 107 -3.02 1.89 -8.21
CA PRO A 107 -4.02 2.19 -7.18
C PRO A 107 -4.21 0.98 -6.27
N GLY A 108 -4.95 1.20 -5.19
CA GLY A 108 -5.16 0.11 -4.27
C GLY A 108 -5.98 -1.01 -4.89
N SER A 109 -5.87 -2.19 -4.29
CA SER A 109 -6.75 -3.29 -4.66
C SER A 109 -8.11 -3.10 -3.99
N GLN A 110 -9.04 -4.00 -4.27
CA GLN A 110 -10.34 -3.95 -3.63
C GLN A 110 -10.43 -4.86 -2.40
N ARG A 111 -9.29 -5.38 -1.92
CA ARG A 111 -9.28 -6.34 -0.82
C ARG A 111 -8.87 -5.69 0.49
N THR A 112 -9.69 -5.89 1.52
CA THR A 112 -9.44 -5.26 2.81
C THR A 112 -8.08 -5.65 3.38
N ASP A 113 -7.69 -6.91 3.23
CA ASP A 113 -6.47 -7.39 3.85
C ASP A 113 -5.21 -6.81 3.23
N ASP A 114 -5.31 -6.13 2.08
CA ASP A 114 -4.16 -5.46 1.49
C ASP A 114 -3.86 -4.12 2.13
N TYR A 115 -4.68 -3.68 3.08
CA TYR A 115 -4.54 -2.36 3.69
C TYR A 115 -4.18 -2.56 5.16
N ASP A 116 -2.98 -2.09 5.52
CA ASP A 116 -2.40 -2.38 6.83
C ASP A 116 -2.56 -1.26 7.84
N THR A 117 -2.84 -0.04 7.39
CA THR A 117 -2.94 1.12 8.25
C THR A 117 -4.33 1.72 8.11
N TRP A 118 -5.00 1.99 9.23
CA TRP A 118 -6.40 2.39 9.20
C TRP A 118 -6.64 3.60 10.10
N GLY A 119 -7.50 4.51 9.64
CA GLY A 119 -8.03 5.56 10.48
C GLY A 119 -9.10 5.03 11.42
N GLN A 120 -9.61 5.94 12.25
CA GLN A 120 -10.62 5.57 13.23
C GLN A 120 -12.04 5.56 12.67
N GLY A 121 -12.25 6.11 11.47
CA GLY A 121 -13.55 6.06 10.83
C GLY A 121 -14.39 7.28 11.11
N THR A 122 -15.24 7.62 10.14
CA THR A 122 -16.17 8.73 10.26
C THR A 122 -17.56 8.25 9.90
N GLN A 123 -18.53 8.53 10.78
CA GLN A 123 -19.89 8.04 10.60
C GLN A 123 -20.63 8.82 9.54
N VAL A 124 -21.37 8.10 8.70
CA VAL A 124 -22.16 8.68 7.62
C VAL A 124 -23.54 8.05 7.66
N THR A 125 -24.57 8.86 7.95
CA THR A 125 -25.96 8.43 7.99
C THR A 125 -26.73 9.16 6.89
N VAL A 126 -27.44 8.38 6.06
CA VAL A 126 -28.24 8.92 4.96
C VAL A 126 -29.70 8.66 5.30
N SER A 127 -30.43 9.73 5.58
CA SER A 127 -31.82 9.63 6.03
C SER A 127 -32.70 9.12 4.89
N SER A 128 -34.02 9.16 5.11
CA SER A 128 -34.97 8.83 4.06
C SER A 128 -36.16 9.78 4.02
N LEU A 129 -36.13 10.87 4.79
CA LEU A 129 -37.20 11.87 4.79
C LEU A 129 -37.32 12.55 3.43
N VAL B 10 5.28 -13.45 16.07
CA VAL B 10 5.64 -12.28 15.29
C VAL B 10 5.76 -12.62 13.80
N VAL B 11 5.38 -11.67 12.95
CA VAL B 11 5.63 -11.84 11.53
C VAL B 11 7.13 -11.84 11.30
N VAL B 12 7.58 -12.66 10.35
CA VAL B 12 9.01 -12.75 10.09
C VAL B 12 9.52 -11.44 9.48
N GLN B 13 10.79 -11.17 9.71
CA GLN B 13 11.50 -10.10 9.01
C GLN B 13 12.86 -10.68 8.65
N ARG B 14 13.12 -10.87 7.36
CA ARG B 14 14.44 -11.32 6.96
C ARG B 14 14.76 -10.74 5.59
N LEU B 15 16.05 -10.69 5.29
CA LEU B 15 16.57 -10.06 4.09
C LEU B 15 17.51 -11.02 3.40
N PHE B 16 17.31 -11.23 2.11
CA PHE B 16 18.15 -12.10 1.30
C PHE B 16 18.90 -11.29 0.26
N GLN B 17 20.23 -11.42 0.24
CA GLN B 17 21.03 -10.90 -0.84
C GLN B 17 21.05 -11.91 -1.98
N VAL B 18 20.64 -11.46 -3.15
CA VAL B 18 20.63 -12.29 -4.39
C VAL B 18 21.76 -11.80 -5.28
N LYS B 19 22.79 -12.62 -5.44
CA LYS B 19 24.01 -12.15 -6.13
C LYS B 19 24.66 -13.28 -6.92
N GLY B 20 25.25 -12.94 -8.05
CA GLY B 20 25.93 -13.92 -8.89
C GLY B 20 25.71 -13.67 -10.36
N ARG B 21 26.05 -14.65 -11.17
CA ARG B 21 25.90 -14.54 -12.64
C ARG B 21 25.65 -15.94 -13.17
N ARG B 22 26.69 -16.72 -13.43
CA ARG B 22 26.50 -18.11 -13.92
C ARG B 22 25.85 -18.90 -12.78
N VAL B 23 26.29 -18.65 -11.55
CA VAL B 23 25.70 -19.28 -10.34
C VAL B 23 25.19 -18.14 -9.47
N VAL B 24 23.89 -18.10 -9.24
CA VAL B 24 23.28 -17.02 -8.42
C VAL B 24 22.77 -17.63 -7.11
N ARG B 25 23.13 -17.02 -6.00
CA ARG B 25 22.77 -17.51 -4.69
C ARG B 25 21.95 -16.48 -3.92
N ALA B 26 21.04 -16.99 -3.09
CA ALA B 26 20.25 -16.16 -2.17
C ALA B 26 20.76 -16.43 -0.76
N THR B 27 21.43 -15.44 -0.18
CA THR B 27 22.04 -15.54 1.14
C THR B 27 21.32 -14.62 2.10
N GLU B 28 20.99 -15.12 3.29
CA GLU B 28 20.36 -14.26 4.28
C GLU B 28 21.39 -13.33 4.90
N VAL B 29 21.04 -12.06 5.02
CA VAL B 29 21.91 -11.02 5.54
C VAL B 29 21.13 -10.21 6.59
N PRO B 30 21.77 -9.40 7.42
CA PRO B 30 21.00 -8.62 8.41
C PRO B 30 20.04 -7.65 7.76
N VAL B 31 18.89 -7.46 8.42
CA VAL B 31 17.87 -6.54 7.93
C VAL B 31 18.29 -5.11 8.18
N SER B 32 18.95 -4.50 7.19
CA SER B 32 19.45 -3.14 7.31
C SER B 32 19.84 -2.62 5.94
N TRP B 33 19.68 -1.31 5.75
CA TRP B 33 20.24 -0.68 4.56
C TRP B 33 21.74 -0.92 4.48
N GLU B 34 22.37 -1.21 5.61
CA GLU B 34 23.80 -1.49 5.63
C GLU B 34 24.13 -2.75 4.86
N SER B 35 23.15 -3.61 4.61
CA SER B 35 23.34 -4.82 3.83
C SER B 35 23.16 -4.61 2.33
N PHE B 36 22.65 -3.45 1.89
CA PHE B 36 22.29 -3.22 0.50
C PHE B 36 23.47 -2.68 -0.32
N ASN B 37 23.45 -2.98 -1.62
CA ASN B 37 24.29 -2.31 -2.60
C ASN B 37 23.51 -2.23 -3.91
N ASN B 38 24.00 -1.42 -4.85
CA ASN B 38 23.21 -1.17 -6.05
C ASN B 38 23.43 -2.20 -7.15
N GLY B 39 24.23 -3.25 -6.90
CA GLY B 39 24.54 -4.19 -7.95
C GLY B 39 23.93 -5.57 -7.78
N ASN B 40 23.16 -5.76 -6.73
CA ASN B 40 22.50 -7.03 -6.46
C ASN B 40 21.01 -6.79 -6.26
N CYS B 41 20.23 -7.87 -6.21
CA CYS B 41 18.84 -7.82 -5.83
C CYS B 41 18.70 -8.24 -4.37
N PHE B 42 17.64 -7.76 -3.72
CA PHE B 42 17.40 -8.05 -2.31
C PHE B 42 15.93 -8.38 -2.09
N ILE B 43 15.69 -9.40 -1.28
CA ILE B 43 14.32 -9.82 -0.96
C ILE B 43 14.10 -9.55 0.52
N LEU B 44 13.27 -8.56 0.81
CA LEU B 44 12.89 -8.23 2.19
C LEU B 44 11.59 -8.99 2.44
N ASP B 45 11.69 -10.10 3.17
CA ASP B 45 10.55 -10.94 3.50
C ASP B 45 9.89 -10.39 4.76
N LEU B 46 8.68 -9.85 4.62
CA LEU B 46 7.93 -9.33 5.75
C LEU B 46 6.69 -10.19 6.04
N GLY B 47 6.75 -11.47 5.68
CA GLY B 47 5.74 -12.44 6.05
C GLY B 47 4.54 -12.44 5.13
N ASN B 48 3.65 -11.47 5.30
CA ASN B 48 2.49 -11.32 4.43
C ASN B 48 2.82 -10.53 3.16
N ASN B 49 3.94 -9.82 3.18
CA ASN B 49 4.41 -9.02 2.06
C ASN B 49 5.86 -9.36 1.82
N ILE B 50 6.20 -9.60 0.56
CA ILE B 50 7.56 -9.96 0.15
C ILE B 50 8.02 -8.90 -0.83
N HIS B 51 9.08 -8.17 -0.48
CA HIS B 51 9.56 -7.05 -1.29
C HIS B 51 10.75 -7.48 -2.11
N GLN B 52 10.62 -7.40 -3.43
CA GLN B 52 11.65 -7.80 -4.39
C GLN B 52 12.25 -6.52 -4.98
N TRP B 53 13.44 -6.18 -4.51
CA TRP B 53 14.13 -4.93 -4.85
C TRP B 53 15.39 -5.29 -5.62
N CYS B 54 15.59 -4.67 -6.78
CA CYS B 54 16.79 -4.93 -7.57
C CYS B 54 17.57 -3.64 -7.77
N GLY B 55 18.88 -3.70 -7.52
CA GLY B 55 19.70 -2.53 -7.71
C GLY B 55 19.75 -2.12 -9.17
N SER B 56 20.02 -0.83 -9.39
CA SER B 56 20.12 -0.30 -10.75
C SER B 56 21.20 -1.00 -11.57
N ASN B 57 22.20 -1.60 -10.92
CA ASN B 57 23.25 -2.30 -11.63
C ASN B 57 23.20 -3.81 -11.48
N SER B 58 22.10 -4.37 -10.94
CA SER B 58 21.96 -5.82 -10.91
C SER B 58 21.75 -6.39 -12.31
N ASN B 59 22.20 -7.62 -12.53
CA ASN B 59 22.16 -8.22 -13.85
C ASN B 59 20.93 -9.12 -14.02
N ARG B 60 20.76 -9.66 -15.22
CA ARG B 60 19.54 -10.39 -15.55
C ARG B 60 19.43 -11.69 -14.77
N TYR B 61 20.56 -12.31 -14.46
CA TYR B 61 20.55 -13.56 -13.74
C TYR B 61 20.13 -13.33 -12.29
N GLU B 62 20.57 -12.22 -11.71
CA GLU B 62 20.18 -11.87 -10.36
C GLU B 62 18.70 -11.52 -10.29
N ARG B 63 18.21 -10.77 -11.29
CA ARG B 63 16.79 -10.41 -11.32
C ARG B 63 15.90 -11.64 -11.50
N LEU B 64 16.31 -12.57 -12.38
CA LEU B 64 15.52 -13.79 -12.55
C LEU B 64 15.55 -14.65 -11.28
N LYS B 65 16.73 -14.77 -10.66
CA LYS B 65 16.81 -15.52 -9.40
C LYS B 65 15.97 -14.87 -8.32
N ALA B 66 15.94 -13.53 -8.28
CA ALA B 66 15.12 -12.83 -7.29
C ALA B 66 13.65 -13.17 -7.46
N THR B 67 13.17 -13.24 -8.70
CA THR B 67 11.77 -13.59 -8.93
C THR B 67 11.48 -15.02 -8.50
N GLN B 68 12.42 -15.95 -8.75
CA GLN B 68 12.23 -17.32 -8.32
C GLN B 68 12.20 -17.43 -6.81
N VAL B 69 13.09 -16.70 -6.12
CA VAL B 69 13.13 -16.79 -4.66
C VAL B 69 11.85 -16.23 -4.05
N SER B 70 11.34 -15.12 -4.59
CA SER B 70 10.13 -14.51 -4.03
C SER B 70 8.93 -15.43 -4.20
N LYS B 71 8.76 -16.00 -5.39
CA LYS B 71 7.66 -16.94 -5.59
C LYS B 71 7.85 -18.20 -4.75
N GLY B 72 9.09 -18.64 -4.56
CA GLY B 72 9.33 -19.80 -3.70
C GLY B 72 8.87 -19.58 -2.28
N ILE B 73 9.23 -18.42 -1.70
CA ILE B 73 8.80 -18.10 -0.35
C ILE B 73 7.27 -18.05 -0.26
N ARG B 74 6.64 -17.39 -1.23
CA ARG B 74 5.20 -17.22 -1.21
C ARG B 74 4.48 -18.55 -1.37
N ASP B 75 4.78 -19.26 -2.46
CA ASP B 75 4.02 -20.47 -2.77
C ASP B 75 4.34 -21.60 -1.80
N ASN B 76 5.62 -21.79 -1.46
CA ASN B 76 6.05 -22.97 -0.73
C ASN B 76 6.22 -22.76 0.78
N GLU B 77 6.28 -21.52 1.24
CA GLU B 77 6.37 -21.26 2.67
CA GLU B 77 6.37 -21.26 2.67
C GLU B 77 5.20 -20.46 3.21
N ARG B 78 4.38 -19.85 2.36
CA ARG B 78 3.22 -19.08 2.78
C ARG B 78 1.93 -19.62 2.18
N SER B 79 1.94 -20.87 1.71
CA SER B 79 0.76 -21.49 1.11
C SER B 79 0.16 -20.64 -0.01
N GLY B 80 1.02 -19.93 -0.75
CA GLY B 80 0.58 -19.06 -1.81
C GLY B 80 -0.07 -17.77 -1.35
N ARG B 81 -0.09 -17.49 -0.06
CA ARG B 81 -0.87 -16.38 0.49
C ARG B 81 0.05 -15.30 1.03
N ALA B 82 0.68 -14.59 0.09
CA ALA B 82 1.53 -13.45 0.40
C ALA B 82 1.72 -12.68 -0.89
N ARG B 83 1.76 -11.36 -0.77
CA ARG B 83 1.98 -10.51 -1.92
C ARG B 83 3.48 -10.31 -2.16
N VAL B 84 3.89 -10.42 -3.42
CA VAL B 84 5.23 -10.04 -3.85
C VAL B 84 5.16 -8.66 -4.49
N HIS B 85 5.97 -7.74 -3.99
CA HIS B 85 5.98 -6.36 -4.46
C HIS B 85 7.33 -6.06 -5.08
N VAL B 86 7.35 -5.74 -6.37
CA VAL B 86 8.59 -5.43 -7.07
C VAL B 86 8.83 -3.92 -7.02
N SER B 87 10.01 -3.52 -6.57
CA SER B 87 10.39 -2.12 -6.60
C SER B 87 11.78 -1.97 -7.18
N GLU B 88 12.09 -0.75 -7.59
CA GLU B 88 13.40 -0.37 -8.09
C GLU B 88 13.86 0.85 -7.32
N GLU B 89 15.11 1.25 -7.52
CA GLU B 89 15.60 2.45 -6.85
C GLU B 89 14.79 3.66 -7.28
N GLY B 90 14.20 4.35 -6.30
CA GLY B 90 13.32 5.47 -6.56
C GLY B 90 11.84 5.14 -6.42
N THR B 91 11.48 3.87 -6.29
CA THR B 91 10.09 3.49 -6.10
C THR B 91 9.87 2.66 -4.85
N GLU B 92 10.85 2.62 -3.94
CA GLU B 92 10.70 1.86 -2.72
C GLU B 92 9.38 2.23 -2.03
N PRO B 93 8.61 1.26 -1.56
CA PRO B 93 7.35 1.58 -0.90
C PRO B 93 7.56 1.96 0.55
N GLU B 94 6.54 2.65 1.09
CA GLU B 94 6.59 3.16 2.45
C GLU B 94 6.92 2.07 3.48
N ALA B 95 6.33 0.88 3.33
CA ALA B 95 6.56 -0.16 4.33
C ALA B 95 8.02 -0.61 4.36
N MET B 96 8.70 -0.58 3.21
CA MET B 96 10.13 -0.88 3.19
C MET B 96 10.91 0.17 3.98
N LEU B 97 10.56 1.44 3.79
CA LEU B 97 11.25 2.51 4.52
C LEU B 97 10.85 2.56 5.98
N GLN B 98 9.62 2.11 6.31
CA GLN B 98 9.24 2.01 7.71
C GLN B 98 10.09 0.97 8.45
N VAL B 99 10.54 -0.07 7.75
CA VAL B 99 11.36 -1.11 8.37
C VAL B 99 12.83 -0.69 8.40
N LEU B 100 13.35 -0.17 7.29
CA LEU B 100 14.78 0.05 7.17
C LEU B 100 15.21 1.47 7.52
N GLY B 101 14.29 2.42 7.59
CA GLY B 101 14.65 3.80 7.75
C GLY B 101 14.86 4.46 6.41
N PRO B 102 15.20 5.76 6.42
CA PRO B 102 15.37 6.48 5.15
C PRO B 102 16.51 5.86 4.34
N LYS B 103 16.35 5.85 3.02
CA LYS B 103 17.35 5.24 2.16
C LYS B 103 18.60 6.12 2.12
N PRO B 104 19.77 5.56 2.36
CA PRO B 104 21.01 6.33 2.18
C PRO B 104 21.62 6.08 0.82
N ALA B 105 22.77 6.70 0.55
CA ALA B 105 23.53 6.37 -0.65
C ALA B 105 23.96 4.91 -0.59
N LEU B 106 23.95 4.25 -1.74
CA LEU B 106 24.34 2.86 -1.73
C LEU B 106 25.63 2.63 -2.50
N PRO B 107 26.53 1.81 -1.98
CA PRO B 107 27.76 1.50 -2.69
C PRO B 107 27.49 0.60 -3.90
N ALA B 108 28.46 0.58 -4.80
CA ALA B 108 28.42 -0.35 -5.91
C ALA B 108 28.57 -1.79 -5.40
N GLY B 109 28.05 -2.74 -6.18
CA GLY B 109 28.25 -4.13 -5.87
C GLY B 109 29.62 -4.61 -6.29
N THR B 110 29.93 -5.86 -5.94
CA THR B 110 31.23 -6.47 -6.20
C THR B 110 31.05 -7.72 -7.03
N GLU B 111 32.10 -8.11 -7.75
CA GLU B 111 32.11 -9.36 -8.50
C GLU B 111 31.95 -10.56 -7.57
S SCN C . 2.29 4.59 -9.03
C SCN C . 1.51 6.13 -8.50
N SCN C . 1.02 7.10 -8.17
#